data_8JZA
#
_entry.id   8JZA
#
_cell.length_a   38.751
_cell.length_b   47.589
_cell.length_c   64.237
_cell.angle_alpha   90.000
_cell.angle_beta   90.000
_cell.angle_gamma   90.000
#
_symmetry.space_group_name_H-M   'P 21 21 21'
#
loop_
_entity.id
_entity.type
_entity.pdbx_description
1 polymer 'single domain antibody kt75 of human Thyroglobulin'
2 non-polymer 'ACETATE ION'
3 non-polymer 'POTASSIUM ION'
4 water water
#
_entity_poly.entity_id   1
_entity_poly.type   'polypeptide(L)'
_entity_poly.pdbx_seq_one_letter_code
;ADVQLQASGGGSVQTGGSLRLSCAASGYSGSRYSMAWFRQVPGKEREGLAFINDDGSRTHYEGSAKDRFGISRDNAQNTM
YLQMNGLKPEDTAMYYCAARESTWWITVPLGEAEYPYWGQGTQVTVSSHHHHHH
;
_entity_poly.pdbx_strand_id   A
#
loop_
_chem_comp.id
_chem_comp.type
_chem_comp.name
_chem_comp.formula
ACT non-polymer 'ACETATE ION' 'C2 H3 O2 -1'
K non-polymer 'POTASSIUM ION' 'K 1'
#
# COMPACT_ATOMS: atom_id res chain seq x y z
N ASP A 2 16.71 10.96 -1.97
CA ASP A 2 17.29 9.68 -1.48
C ASP A 2 16.31 8.99 -0.54
N VAL A 3 15.26 8.45 -1.12
CA VAL A 3 14.18 7.81 -0.39
C VAL A 3 14.28 6.34 -0.73
N GLN A 4 14.21 5.46 0.28
CA GLN A 4 14.20 4.04 0.02
C GLN A 4 12.96 3.46 0.71
N LEU A 5 12.25 2.59 -0.02
CA LEU A 5 11.06 1.91 0.46
C LEU A 5 11.31 0.40 0.47
N GLN A 6 10.89 -0.24 1.57
CA GLN A 6 10.95 -1.68 1.69
C GLN A 6 9.59 -2.24 2.08
N ALA A 7 9.02 -3.04 1.15
CA ALA A 7 7.75 -3.74 1.39
C ALA A 7 8.00 -5.14 1.93
N SER A 8 7.17 -5.51 2.91
CA SER A 8 7.28 -6.81 3.53
C SER A 8 5.94 -7.29 4.04
N GLY A 9 5.92 -8.57 4.40
CA GLY A 9 4.76 -9.18 4.99
C GLY A 9 4.01 -10.10 4.05
N GLY A 10 4.45 -10.25 2.82
CA GLY A 10 3.76 -11.12 1.89
C GLY A 10 3.95 -12.60 2.24
N GLY A 11 3.19 -13.42 1.56
CA GLY A 11 3.30 -14.86 1.71
C GLY A 11 2.00 -15.52 1.31
N SER A 12 1.84 -16.74 1.82
CA SER A 12 0.73 -17.61 1.50
C SER A 12 -0.28 -17.53 2.63
N VAL A 13 -1.56 -17.45 2.28
CA VAL A 13 -2.59 -17.38 3.28
C VAL A 13 -3.81 -18.15 2.79
N GLN A 14 -4.58 -18.65 3.76
CA GLN A 14 -5.77 -19.40 3.40
C GLN A 14 -6.90 -18.41 3.09
N THR A 15 -7.82 -18.78 2.20
CA THR A 15 -9.04 -18.01 1.97
C THR A 15 -9.75 -17.72 3.28
N GLY A 16 -10.15 -16.46 3.43
CA GLY A 16 -10.82 -15.98 4.63
C GLY A 16 -9.86 -15.33 5.62
N GLY A 17 -8.55 -15.57 5.45
CA GLY A 17 -7.57 -15.11 6.39
C GLY A 17 -7.21 -13.65 6.18
N SER A 18 -6.36 -13.19 7.10
CA SER A 18 -5.86 -11.84 7.13
C SER A 18 -4.34 -11.84 6.89
N LEU A 19 -3.83 -10.71 6.39
CA LEU A 19 -2.40 -10.49 6.24
C LEU A 19 -2.17 -9.00 6.37
N ARG A 20 -1.06 -8.65 7.03
CA ARG A 20 -0.65 -7.27 7.15
C ARG A 20 0.65 -7.05 6.39
N LEU A 21 0.61 -6.11 5.44
CA LEU A 21 1.83 -5.70 4.77
C LEU A 21 2.34 -4.40 5.40
N SER A 22 3.65 -4.22 5.36
CA SER A 22 4.27 -3.00 5.86
C SER A 22 5.18 -2.43 4.78
N CYS A 23 5.29 -1.12 4.81
CA CYS A 23 6.17 -0.40 3.93
C CYS A 23 6.91 0.64 4.75
N ALA A 24 8.24 0.43 4.86
CA ALA A 24 9.06 1.30 5.67
C ALA A 24 9.85 2.21 4.75
N ALA A 25 9.77 3.51 5.03
CA ALA A 25 10.48 4.51 4.25
C ALA A 25 11.68 5.02 5.01
N SER A 26 12.79 5.15 4.30
CA SER A 26 13.96 5.81 4.88
C SER A 26 14.12 7.09 4.09
N GLY A 27 13.96 8.24 4.75
CA GLY A 27 14.29 9.56 4.21
C GLY A 27 14.79 10.45 5.33
N TYR A 28 16.01 11.00 5.19
CA TYR A 28 16.60 11.80 6.25
C TYR A 28 15.92 13.17 6.36
N SER A 29 15.21 13.57 5.29
CA SER A 29 14.52 14.85 5.21
C SER A 29 13.38 14.97 6.22
N GLY A 30 12.78 16.16 6.27
CA GLY A 30 11.75 16.46 7.24
C GLY A 30 10.33 16.27 6.70
N SER A 31 10.16 15.47 5.66
CA SER A 31 8.85 15.26 5.07
C SER A 31 8.33 13.88 5.46
N ARG A 32 7.07 13.82 5.86
CA ARG A 32 6.34 12.56 6.01
C ARG A 32 5.67 12.28 4.66
N TYR A 33 6.22 11.37 3.91
CA TYR A 33 5.80 11.12 2.55
C TYR A 33 4.36 10.59 2.57
N SER A 34 3.58 10.97 1.56
CA SER A 34 2.29 10.36 1.33
C SER A 34 2.50 9.07 0.53
N MET A 35 1.69 8.04 0.83
CA MET A 35 2.08 6.72 0.38
C MET A 35 0.86 5.97 -0.16
N ALA A 36 1.15 4.86 -0.86
CA ALA A 36 0.10 4.08 -1.48
C ALA A 36 0.55 2.65 -1.63
N TRP A 37 -0.46 1.77 -1.68
CA TRP A 37 -0.29 0.39 -2.11
C TRP A 37 -0.98 0.27 -3.47
N PHE A 38 -0.29 -0.39 -4.38
CA PHE A 38 -0.76 -0.83 -5.68
C PHE A 38 -0.66 -2.35 -5.70
N ARG A 39 -1.39 -3.00 -6.61
CA ARG A 39 -1.17 -4.43 -6.84
C ARG A 39 -1.38 -4.75 -8.29
N GLN A 40 -0.76 -5.87 -8.68
CA GLN A 40 -0.96 -6.38 -10.02
C GLN A 40 -1.38 -7.84 -9.93
N VAL A 41 -2.67 -8.06 -10.18
CA VAL A 41 -3.19 -9.41 -10.25
C VAL A 41 -2.83 -10.04 -11.59
N PRO A 42 -2.62 -11.36 -11.65
CA PRO A 42 -2.22 -12.01 -12.90
C PRO A 42 -3.17 -11.66 -14.04
N GLY A 43 -2.57 -11.19 -15.12
CA GLY A 43 -3.28 -10.87 -16.34
C GLY A 43 -3.84 -9.46 -16.45
N LYS A 44 -3.66 -8.68 -15.38
CA LYS A 44 -4.25 -7.36 -15.27
C LYS A 44 -3.12 -6.34 -15.19
N GLU A 45 -3.42 -5.08 -15.46
CA GLU A 45 -2.47 -4.01 -15.23
C GLU A 45 -2.36 -3.79 -13.73
N ARG A 46 -1.24 -3.22 -13.33
CA ARG A 46 -1.09 -2.78 -11.96
C ARG A 46 -2.12 -1.70 -11.69
N GLU A 47 -2.68 -1.73 -10.48
N GLU A 47 -2.72 -1.75 -10.49
CA GLU A 47 -3.78 -0.84 -10.13
CA GLU A 47 -3.85 -0.91 -10.13
C GLU A 47 -3.58 -0.32 -8.71
C GLU A 47 -3.64 -0.35 -8.72
N GLY A 48 -4.09 0.89 -8.48
CA GLY A 48 -4.07 1.43 -7.15
C GLY A 48 -4.99 0.64 -6.24
N LEU A 49 -4.64 0.55 -4.98
CA LEU A 49 -5.42 -0.17 -4.00
C LEU A 49 -5.81 0.67 -2.79
N ALA A 50 -4.83 1.34 -2.14
CA ALA A 50 -5.11 2.10 -0.95
C ALA A 50 -4.08 3.21 -0.82
N PHE A 51 -4.54 4.35 -0.27
CA PHE A 51 -3.75 5.58 -0.31
C PHE A 51 -3.89 6.27 1.03
N ILE A 52 -2.79 6.91 1.50
CA ILE A 52 -2.79 7.58 2.78
C ILE A 52 -1.91 8.82 2.70
N ASN A 53 -2.43 9.93 3.27
CA ASN A 53 -1.64 11.16 3.25
C ASN A 53 -0.67 11.21 4.41
N ASP A 54 -0.04 12.40 4.57
CA ASP A 54 1.14 12.50 5.43
C ASP A 54 0.91 12.05 6.87
N ASP A 55 -0.27 12.37 7.42
CA ASP A 55 -0.56 12.12 8.81
C ASP A 55 -1.66 11.08 9.01
N GLY A 56 -2.12 10.46 7.93
CA GLY A 56 -3.21 9.49 8.06
C GLY A 56 -4.60 10.08 8.30
N SER A 57 -4.72 11.38 8.12
CA SER A 57 -6.00 12.05 8.26
C SER A 57 -6.89 11.84 7.04
N ARG A 58 -6.36 11.39 5.92
CA ARG A 58 -7.16 11.04 4.76
C ARG A 58 -6.65 9.70 4.25
N THR A 59 -7.63 8.83 3.93
CA THR A 59 -7.37 7.56 3.28
C THR A 59 -8.33 7.41 2.10
N HIS A 60 -7.94 6.54 1.17
CA HIS A 60 -8.77 6.23 0.02
C HIS A 60 -8.51 4.78 -0.31
N TYR A 61 -9.59 4.05 -0.69
CA TYR A 61 -9.50 2.65 -1.06
C TYR A 61 -10.18 2.47 -2.41
N GLU A 62 -9.61 1.61 -3.22
CA GLU A 62 -10.20 1.20 -4.50
C GLU A 62 -10.93 -0.14 -4.35
N GLY A 63 -12.11 -0.22 -4.99
CA GLY A 63 -12.78 -1.51 -5.06
C GLY A 63 -13.14 -2.06 -3.70
N SER A 64 -13.13 -3.39 -3.59
CA SER A 64 -13.58 -4.07 -2.39
C SER A 64 -12.62 -3.86 -1.24
N ALA A 65 -11.46 -3.23 -1.47
CA ALA A 65 -10.65 -2.74 -0.36
C ALA A 65 -11.44 -1.79 0.51
N LYS A 66 -12.45 -1.09 -0.05
CA LYS A 66 -13.29 -0.24 0.78
C LYS A 66 -13.91 -1.02 1.93
N ASP A 67 -14.34 -2.26 1.64
CA ASP A 67 -15.01 -3.07 2.63
C ASP A 67 -14.05 -3.84 3.53
N ARG A 68 -12.92 -4.30 2.97
CA ARG A 68 -12.16 -5.34 3.62
C ARG A 68 -10.76 -4.94 4.13
N PHE A 69 -10.18 -3.86 3.61
CA PHE A 69 -8.79 -3.55 3.88
C PHE A 69 -8.72 -2.23 4.67
N GLY A 70 -7.60 -2.05 5.40
CA GLY A 70 -7.33 -0.83 6.12
C GLY A 70 -5.90 -0.39 5.89
N ILE A 71 -5.71 0.92 5.73
CA ILE A 71 -4.38 1.51 5.57
C ILE A 71 -4.16 2.44 6.75
N SER A 72 -2.95 2.40 7.31
CA SER A 72 -2.63 3.25 8.45
C SER A 72 -1.12 3.50 8.40
N ARG A 73 -0.66 4.44 9.24
CA ARG A 73 0.76 4.67 9.29
C ARG A 73 1.20 5.05 10.69
N ASP A 74 2.45 4.72 10.98
CA ASP A 74 3.12 5.07 12.23
C ASP A 74 4.25 6.03 11.90
N ASN A 75 4.02 7.30 12.15
CA ASN A 75 5.01 8.29 11.78
C ASN A 75 6.16 8.39 12.76
N ALA A 76 6.04 7.72 13.91
CA ALA A 76 7.20 7.65 14.81
C ALA A 76 8.28 6.67 14.29
N GLN A 77 7.95 5.74 13.37
CA GLN A 77 8.95 4.85 12.81
C GLN A 77 8.89 4.80 11.28
N ASN A 78 8.23 5.80 10.67
CA ASN A 78 8.21 5.97 9.24
C ASN A 78 7.78 4.70 8.50
N THR A 79 6.63 4.16 8.93
N THR A 79 6.61 4.16 8.90
CA THR A 79 6.12 2.96 8.31
CA THR A 79 6.10 2.97 8.27
C THR A 79 4.62 3.10 8.09
C THR A 79 4.59 3.09 8.08
N MET A 80 4.13 2.52 6.98
CA MET A 80 2.71 2.41 6.72
C MET A 80 2.36 0.93 6.60
N TYR A 81 1.08 0.66 6.80
CA TYR A 81 0.60 -0.72 6.85
C TYR A 81 -0.66 -0.87 6.00
N LEU A 82 -0.79 -2.07 5.41
CA LEU A 82 -2.03 -2.46 4.79
C LEU A 82 -2.53 -3.73 5.49
N GLN A 83 -3.67 -3.63 6.16
CA GLN A 83 -4.27 -4.78 6.77
CA GLN A 83 -4.29 -4.78 6.81
C GLN A 83 -5.35 -5.31 5.85
N MET A 84 -5.13 -6.52 5.34
CA MET A 84 -6.06 -7.13 4.42
C MET A 84 -6.81 -8.23 5.14
N ASN A 85 -8.15 -8.07 5.25
CA ASN A 85 -8.95 -9.10 5.88
C ASN A 85 -9.87 -9.73 4.85
N GLY A 86 -10.36 -10.92 5.18
CA GLY A 86 -11.29 -11.57 4.30
C GLY A 86 -10.70 -11.89 2.92
N LEU A 87 -9.44 -12.30 2.90
CA LEU A 87 -8.74 -12.51 1.66
C LEU A 87 -9.35 -13.65 0.85
N LYS A 88 -9.24 -13.48 -0.46
CA LYS A 88 -9.83 -14.38 -1.44
C LYS A 88 -8.78 -14.76 -2.46
N PRO A 89 -8.95 -15.88 -3.19
CA PRO A 89 -7.99 -16.21 -4.23
C PRO A 89 -7.73 -15.08 -5.23
N GLU A 90 -8.75 -14.28 -5.50
CA GLU A 90 -8.66 -13.18 -6.45
C GLU A 90 -7.79 -12.03 -5.92
N ASP A 91 -7.38 -12.08 -4.64
CA ASP A 91 -6.41 -11.13 -4.10
C ASP A 91 -4.96 -11.58 -4.33
N THR A 92 -4.74 -12.75 -4.92
CA THR A 92 -3.40 -13.21 -5.27
C THR A 92 -2.79 -12.23 -6.25
N ALA A 93 -1.63 -11.65 -5.91
CA ALA A 93 -1.09 -10.55 -6.68
C ALA A 93 0.31 -10.21 -6.18
N MET A 94 1.00 -9.36 -6.96
CA MET A 94 2.21 -8.71 -6.48
C MET A 94 1.79 -7.35 -5.93
N TYR A 95 2.17 -7.09 -4.69
CA TYR A 95 1.80 -5.86 -3.97
C TYR A 95 3.00 -4.92 -3.91
N TYR A 96 2.77 -3.64 -4.20
CA TYR A 96 3.84 -2.64 -4.28
C TYR A 96 3.47 -1.44 -3.42
N CYS A 97 4.46 -0.91 -2.72
CA CYS A 97 4.24 0.39 -2.11
CA CYS A 97 4.44 0.34 -1.98
C CYS A 97 5.03 1.48 -2.82
N ALA A 98 4.47 2.66 -2.67
CA ALA A 98 4.95 3.84 -3.35
C ALA A 98 4.81 5.06 -2.44
N ALA A 99 5.61 6.10 -2.77
CA ALA A 99 5.64 7.31 -1.95
C ALA A 99 5.90 8.55 -2.80
N ARG A 100 5.44 9.67 -2.23
CA ARG A 100 5.65 10.96 -2.84
C ARG A 100 5.81 11.99 -1.72
N GLU A 101 6.50 13.10 -2.02
CA GLU A 101 6.72 14.09 -0.97
C GLU A 101 5.45 14.85 -0.59
N SER A 102 4.69 15.29 -1.61
CA SER A 102 3.55 16.18 -1.38
C SER A 102 2.40 15.44 -0.70
N THR A 103 1.78 16.06 0.29
CA THR A 103 0.58 15.53 0.88
C THR A 103 -0.63 16.00 0.09
N TRP A 104 -1.79 15.61 0.61
CA TRP A 104 -3.05 15.80 -0.09
C TRP A 104 -4.19 15.83 0.91
N TRP A 105 -5.29 16.42 0.46
CA TRP A 105 -6.52 16.55 1.23
C TRP A 105 -7.72 16.47 0.28
N ILE A 106 -7.84 17.43 -0.61
CA ILE A 106 -9.03 17.52 -1.43
CA ILE A 106 -9.02 17.53 -1.44
C ILE A 106 -9.03 16.43 -2.50
N THR A 107 -7.88 16.12 -3.09
CA THR A 107 -7.77 15.28 -4.26
C THR A 107 -6.79 14.14 -3.97
N VAL A 108 -7.22 12.90 -4.17
CA VAL A 108 -6.36 11.75 -4.01
C VAL A 108 -5.40 11.67 -5.19
N PRO A 109 -4.08 11.49 -5.00
CA PRO A 109 -3.18 11.25 -6.12
C PRO A 109 -3.22 9.77 -6.47
N LEU A 110 -3.98 9.45 -7.51
CA LEU A 110 -4.27 8.05 -7.83
C LEU A 110 -3.28 7.41 -8.81
N GLY A 111 -2.73 8.21 -9.72
CA GLY A 111 -1.92 7.59 -10.76
C GLY A 111 -0.55 7.14 -10.27
N GLU A 112 0.00 6.13 -10.96
CA GLU A 112 1.36 5.69 -10.65
C GLU A 112 2.34 6.85 -10.79
N ALA A 113 2.13 7.73 -11.77
CA ALA A 113 3.06 8.79 -12.07
C ALA A 113 3.10 9.82 -10.96
N GLU A 114 2.15 9.77 -10.05
CA GLU A 114 2.13 10.71 -8.93
C GLU A 114 3.13 10.29 -7.85
N TYR A 115 3.75 9.10 -7.97
CA TYR A 115 4.64 8.57 -6.96
C TYR A 115 6.00 8.35 -7.57
N PRO A 116 7.00 9.18 -7.24
CA PRO A 116 8.32 8.96 -7.79
C PRO A 116 9.05 7.78 -7.18
N TYR A 117 8.68 7.36 -5.96
CA TYR A 117 9.49 6.40 -5.22
C TYR A 117 8.68 5.12 -5.04
N TRP A 118 9.31 4.00 -5.39
CA TRP A 118 8.67 2.70 -5.28
C TRP A 118 9.59 1.74 -4.58
N GLY A 119 8.96 0.72 -3.97
CA GLY A 119 9.70 -0.43 -3.51
C GLY A 119 9.56 -1.61 -4.44
N GLN A 120 10.25 -2.68 -4.16
CA GLN A 120 10.04 -3.93 -4.88
CA GLN A 120 10.03 -3.92 -4.90
C GLN A 120 8.79 -4.59 -4.34
N GLY A 121 8.13 -5.33 -5.20
CA GLY A 121 6.90 -5.97 -4.83
C GLY A 121 7.07 -7.10 -3.84
N THR A 122 5.95 -7.44 -3.18
CA THR A 122 5.85 -8.55 -2.26
C THR A 122 4.65 -9.40 -2.71
N GLN A 123 4.88 -10.70 -2.92
CA GLN A 123 3.84 -11.59 -3.45
C GLN A 123 2.93 -12.04 -2.33
N VAL A 124 1.62 -11.98 -2.60
CA VAL A 124 0.61 -12.55 -1.72
C VAL A 124 -0.12 -13.61 -2.54
N THR A 125 -0.27 -14.81 -1.97
CA THR A 125 -0.98 -15.89 -2.61
C THR A 125 -2.02 -16.41 -1.65
N VAL A 126 -3.28 -16.36 -2.10
CA VAL A 126 -4.39 -16.84 -1.31
C VAL A 126 -4.96 -18.11 -1.95
N SER A 127 -5.07 -19.17 -1.13
CA SER A 127 -5.53 -20.46 -1.59
C SER A 127 -6.59 -20.99 -0.64
N SER A 128 -7.62 -21.66 -1.19
CA SER A 128 -8.63 -22.30 -0.37
C SER A 128 -8.06 -23.62 0.18
C ACT B . 1.76 13.61 14.94
O ACT B . 3.02 13.61 15.07
OXT ACT B . 1.19 13.58 13.81
CH3 ACT B . 0.94 13.67 16.24
H1 ACT B . 1.48 13.31 16.98
H2 ACT B . 0.70 14.58 16.43
H3 ACT B . 0.14 13.14 16.14
C ACT C . 6.22 14.27 -5.21
O ACT C . 5.39 15.03 -4.57
OXT ACT C . 7.27 13.56 -4.72
CH3 ACT C . 5.75 14.08 -6.65
H1 ACT C . 5.19 14.83 -6.92
H2 ACT C . 6.52 14.03 -7.24
H3 ACT C . 5.23 13.27 -6.71
C ACT D . -3.19 -1.41 10.15
O ACT D . -3.61 -0.68 11.08
OXT ACT D . -2.49 -2.50 10.34
CH3 ACT D . -3.56 -0.92 8.76
H1 ACT D . -2.75 -0.83 8.22
H2 ACT D . -4.01 -0.05 8.82
H3 ACT D . -4.17 -1.56 8.33
K K E . -11.49 0.22 3.99
#